data_4XFO
# 
_entry.id   4XFO 
# 
_audit_conform.dict_name       mmcif_pdbx.dic 
_audit_conform.dict_version    5.387 
_audit_conform.dict_location   http://mmcif.pdb.org/dictionaries/ascii/mmcif_pdbx.dic 
# 
loop_
_database_2.database_id 
_database_2.database_code 
_database_2.pdbx_database_accession 
_database_2.pdbx_DOI 
PDB   4XFO         pdb_00004xfo 10.2210/pdb4xfo/pdb 
WWPDB D_1000205587 ?            ?                   
# 
loop_
_pdbx_audit_revision_history.ordinal 
_pdbx_audit_revision_history.data_content_type 
_pdbx_audit_revision_history.major_revision 
_pdbx_audit_revision_history.minor_revision 
_pdbx_audit_revision_history.revision_date 
1 'Structure model' 1 0 2015-10-21 
2 'Structure model' 1 1 2015-10-28 
3 'Structure model' 1 2 2015-12-09 
4 'Structure model' 1 3 2024-02-28 
# 
_pdbx_audit_revision_details.ordinal             1 
_pdbx_audit_revision_details.revision_ordinal    1 
_pdbx_audit_revision_details.data_content_type   'Structure model' 
_pdbx_audit_revision_details.provider            repository 
_pdbx_audit_revision_details.type                'Initial release' 
_pdbx_audit_revision_details.description         ? 
_pdbx_audit_revision_details.details             ? 
# 
loop_
_pdbx_audit_revision_group.ordinal 
_pdbx_audit_revision_group.revision_ordinal 
_pdbx_audit_revision_group.data_content_type 
_pdbx_audit_revision_group.group 
1 2 'Structure model' 'Database references'  
2 3 'Structure model' 'Database references'  
3 4 'Structure model' 'Data collection'      
4 4 'Structure model' 'Database references'  
5 4 'Structure model' 'Derived calculations' 
# 
loop_
_pdbx_audit_revision_category.ordinal 
_pdbx_audit_revision_category.revision_ordinal 
_pdbx_audit_revision_category.data_content_type 
_pdbx_audit_revision_category.category 
1 4 'Structure model' chem_comp_atom        
2 4 'Structure model' chem_comp_bond        
3 4 'Structure model' citation              
4 4 'Structure model' database_2            
5 4 'Structure model' pdbx_struct_oper_list 
# 
loop_
_pdbx_audit_revision_item.ordinal 
_pdbx_audit_revision_item.revision_ordinal 
_pdbx_audit_revision_item.data_content_type 
_pdbx_audit_revision_item.item 
1 4 'Structure model' '_citation.journal_id_CSD'                  
2 4 'Structure model' '_database_2.pdbx_DOI'                      
3 4 'Structure model' '_database_2.pdbx_database_accession'       
4 4 'Structure model' '_pdbx_struct_oper_list.symmetry_operation' 
# 
_pdbx_database_status.status_code                     REL 
_pdbx_database_status.status_code_sf                  REL 
_pdbx_database_status.status_code_mr                  ? 
_pdbx_database_status.entry_id                        4XFO 
_pdbx_database_status.recvd_initial_deposition_date   2014-12-27 
_pdbx_database_status.SG_entry                        N 
_pdbx_database_status.deposit_site                    RCSB 
_pdbx_database_status.process_site                    RCSB 
_pdbx_database_status.status_code_cs                  ? 
_pdbx_database_status.methods_development_category    ? 
_pdbx_database_status.pdb_format_compatible           Y 
_pdbx_database_status.status_code_nmr_data            ? 
# 
_pdbx_database_related.content_type   unspecified 
_pdbx_database_related.db_id          4XFN 
_pdbx_database_related.db_name        PDB 
_pdbx_database_related.details        . 
# 
loop_
_audit_author.name 
_audit_author.pdbx_ordinal 
'Saelices, L.'    1 
'Sawaya, M.'      2 
'Cascio, D.'      3 
'Eisenberg, D.S.' 4 
# 
_citation.abstract                  ? 
_citation.abstract_id_CAS           ? 
_citation.book_id_ISBN              ? 
_citation.book_publisher            ? 
_citation.book_publisher_city       ? 
_citation.book_title                ? 
_citation.coordinate_linkage        ? 
_citation.country                   US 
_citation.database_id_Medline       ? 
_citation.details                   ? 
_citation.id                        primary 
_citation.journal_abbrev            J.Biol.Chem. 
_citation.journal_id_ASTM           JBCHA3 
_citation.journal_id_CSD            0071 
_citation.journal_id_ISSN           1083-351X 
_citation.journal_full              ? 
_citation.journal_issue             ? 
_citation.journal_volume            290 
_citation.language                  ? 
_citation.page_first                28932 
_citation.page_last                 28943 
_citation.title                     'Uncovering the Mechanism of Aggregation of Human Transthyretin.' 
_citation.year                      2015 
_citation.database_id_CSD           ? 
_citation.pdbx_database_id_DOI      10.1074/jbc.M115.659912 
_citation.pdbx_database_id_PubMed   26459562 
_citation.unpublished_flag          ? 
# 
loop_
_citation_author.citation_id 
_citation_author.name 
_citation_author.ordinal 
_citation_author.identifier_ORCID 
primary 'Saelices, L.'    1  ? 
primary 'Johnson, L.M.'   2  ? 
primary 'Liang, W.Y.'     3  ? 
primary 'Sawaya, M.R.'    4  ? 
primary 'Cascio, D.'      5  ? 
primary 'Ruchala, P.'     6  ? 
primary 'Whitelegge, J.'  7  ? 
primary 'Jiang, L.'       8  ? 
primary 'Riek, R.'        9  ? 
primary 'Eisenberg, D.S.' 10 ? 
# 
_entity.id                         1 
_entity.type                       polymer 
_entity.src_method                 syn 
_entity.pdbx_description           'Amyloid-forming peptide TAVVTN' 
_entity.formula_weight             603.665 
_entity.pdbx_number_of_molecules   1 
_entity.pdbx_ec                    ? 
_entity.pdbx_mutation              ? 
_entity.pdbx_fragment              ? 
_entity.details                    ? 
# 
_entity_poly.entity_id                      1 
_entity_poly.type                           'polypeptide(L)' 
_entity_poly.nstd_linkage                   no 
_entity_poly.nstd_monomer                   no 
_entity_poly.pdbx_seq_one_letter_code       TAVVTN 
_entity_poly.pdbx_seq_one_letter_code_can   TAVVTN 
_entity_poly.pdbx_strand_id                 A 
_entity_poly.pdbx_target_identifier         ? 
# 
loop_
_entity_poly_seq.entity_id 
_entity_poly_seq.num 
_entity_poly_seq.mon_id 
_entity_poly_seq.hetero 
1 1 THR n 
1 2 ALA n 
1 3 VAL n 
1 4 VAL n 
1 5 THR n 
1 6 ASN n 
# 
_pdbx_entity_src_syn.entity_id              1 
_pdbx_entity_src_syn.pdbx_src_id            1 
_pdbx_entity_src_syn.pdbx_alt_source_flag   sample 
_pdbx_entity_src_syn.pdbx_beg_seq_num       1 
_pdbx_entity_src_syn.pdbx_end_seq_num       6 
_pdbx_entity_src_syn.organism_scientific    'synthetic construct' 
_pdbx_entity_src_syn.organism_common_name   ? 
_pdbx_entity_src_syn.ncbi_taxonomy_id       32630 
_pdbx_entity_src_syn.details                'This sequence corresponds to a segment from human Transthyretin' 
# 
loop_
_chem_comp.id 
_chem_comp.type 
_chem_comp.mon_nstd_flag 
_chem_comp.name 
_chem_comp.pdbx_synonyms 
_chem_comp.formula 
_chem_comp.formula_weight 
ALA 'L-peptide linking' y ALANINE    ? 'C3 H7 N O2'  89.093  
ASN 'L-peptide linking' y ASPARAGINE ? 'C4 H8 N2 O3' 132.118 
THR 'L-peptide linking' y THREONINE  ? 'C4 H9 N O3'  119.119 
VAL 'L-peptide linking' y VALINE     ? 'C5 H11 N O2' 117.146 
# 
loop_
_pdbx_poly_seq_scheme.asym_id 
_pdbx_poly_seq_scheme.entity_id 
_pdbx_poly_seq_scheme.seq_id 
_pdbx_poly_seq_scheme.mon_id 
_pdbx_poly_seq_scheme.ndb_seq_num 
_pdbx_poly_seq_scheme.pdb_seq_num 
_pdbx_poly_seq_scheme.auth_seq_num 
_pdbx_poly_seq_scheme.pdb_mon_id 
_pdbx_poly_seq_scheme.auth_mon_id 
_pdbx_poly_seq_scheme.pdb_strand_id 
_pdbx_poly_seq_scheme.pdb_ins_code 
_pdbx_poly_seq_scheme.hetero 
A 1 1 THR 1 1 1 THR THR A . n 
A 1 2 ALA 2 2 2 ALA ALA A . n 
A 1 3 VAL 3 3 3 VAL VAL A . n 
A 1 4 VAL 4 4 4 VAL VAL A . n 
A 1 5 THR 5 5 5 THR THR A . n 
A 1 6 ASN 6 6 6 ASN ASN A . n 
# 
loop_
_software.citation_id 
_software.classification 
_software.compiler_name 
_software.compiler_version 
_software.contact_author 
_software.contact_author_email 
_software.date 
_software.description 
_software.dependencies 
_software.hardware 
_software.language 
_software.location 
_software.mods 
_software.name 
_software.os 
_software.os_version 
_software.type 
_software.version 
_software.pdbx_ordinal 
? refinement       ? ? ? ? ? ? ? ? ? ? ? PHENIX ? ? ? '(phenix.refine: 1.9_1692)' 1 
? 'data reduction' ? ? ? ? ? ? ? ? ? ? ? XDS    ? ? ? .                           2 
? 'data scaling'   ? ? ? ? ? ? ? ? ? ? ? XSCALE ? ? ? .                           3 
? phasing          ? ? ? ? ? ? ? ? ? ? ? MOLREP ? ? ? .                           4 
# 
_cell.angle_alpha                  77.64 
_cell.angle_alpha_esd              ? 
_cell.angle_beta                   87.81 
_cell.angle_beta_esd               ? 
_cell.angle_gamma                  77.61 
_cell.angle_gamma_esd              ? 
_cell.entry_id                     4XFO 
_cell.details                      ? 
_cell.formula_units_Z              ? 
_cell.length_a                     4.750 
_cell.length_a_esd                 ? 
_cell.length_b                     10.660 
_cell.length_b_esd                 ? 
_cell.length_c                     16.390 
_cell.length_c_esd                 ? 
_cell.volume                       ? 
_cell.volume_esd                   ? 
_cell.Z_PDB                        1 
_cell.reciprocal_angle_alpha       ? 
_cell.reciprocal_angle_beta        ? 
_cell.reciprocal_angle_gamma       ? 
_cell.reciprocal_angle_alpha_esd   ? 
_cell.reciprocal_angle_beta_esd    ? 
_cell.reciprocal_angle_gamma_esd   ? 
_cell.reciprocal_length_a          ? 
_cell.reciprocal_length_b          ? 
_cell.reciprocal_length_c          ? 
_cell.reciprocal_length_a_esd      ? 
_cell.reciprocal_length_b_esd      ? 
_cell.reciprocal_length_c_esd      ? 
_cell.pdbx_unique_axis             ? 
# 
_symmetry.entry_id                         4XFO 
_symmetry.cell_setting                     ? 
_symmetry.Int_Tables_number                1 
_symmetry.space_group_name_Hall            ? 
_symmetry.space_group_name_H-M             'P 1' 
_symmetry.pdbx_full_space_group_name_H-M   ? 
# 
_exptl.absorpt_coefficient_mu     ? 
_exptl.absorpt_correction_T_max   ? 
_exptl.absorpt_correction_T_min   ? 
_exptl.absorpt_correction_type    ? 
_exptl.absorpt_process_details    ? 
_exptl.entry_id                   4XFO 
_exptl.crystals_number            ? 
_exptl.details                    ? 
_exptl.method                     'X-RAY DIFFRACTION' 
_exptl.method_details             ? 
# 
_exptl_crystal.colour                      ? 
_exptl_crystal.density_diffrn              ? 
_exptl_crystal.density_Matthews            1.35 
_exptl_crystal.density_method              ? 
_exptl_crystal.density_percent_sol         6.22 
_exptl_crystal.description                 ? 
_exptl_crystal.F_000                       ? 
_exptl_crystal.id                          1 
_exptl_crystal.preparation                 ? 
_exptl_crystal.size_max                    ? 
_exptl_crystal.size_mid                    ? 
_exptl_crystal.size_min                    ? 
_exptl_crystal.size_rad                    ? 
_exptl_crystal.colour_lustre               ? 
_exptl_crystal.colour_modifier             ? 
_exptl_crystal.colour_primary              ? 
_exptl_crystal.density_meas                ? 
_exptl_crystal.density_meas_esd            ? 
_exptl_crystal.density_meas_gt             ? 
_exptl_crystal.density_meas_lt             ? 
_exptl_crystal.density_meas_temp           ? 
_exptl_crystal.density_meas_temp_esd       ? 
_exptl_crystal.density_meas_temp_gt        ? 
_exptl_crystal.density_meas_temp_lt        ? 
_exptl_crystal.pdbx_crystal_image_url      ? 
_exptl_crystal.pdbx_crystal_image_format   ? 
_exptl_crystal.pdbx_mosaicity              ? 
_exptl_crystal.pdbx_mosaicity_esd          ? 
# 
_exptl_crystal_grow.apparatus       ? 
_exptl_crystal_grow.atmosphere      ? 
_exptl_crystal_grow.crystal_id      1 
_exptl_crystal_grow.details         ? 
_exptl_crystal_grow.method          'VAPOR DIFFUSION, HANGING DROP' 
_exptl_crystal_grow.method_ref      ? 
_exptl_crystal_grow.pH              5.5 
_exptl_crystal_grow.pressure        ? 
_exptl_crystal_grow.pressure_esd    ? 
_exptl_crystal_grow.seeding         ? 
_exptl_crystal_grow.seeding_ref     ? 
_exptl_crystal_grow.temp            298 
_exptl_crystal_grow.temp_details    ? 
_exptl_crystal_grow.temp_esd        ? 
_exptl_crystal_grow.time            ? 
_exptl_crystal_grow.pdbx_details    
'0.2 M Ammonium sulfate, 0.1 M BIS-TRIS pH 5.5, 25% w/v Polyethylene glycol 3,350, 25% Glycerol' 
_exptl_crystal_grow.pdbx_pH_range   ? 
# 
_diffrn.ambient_environment    ? 
_diffrn.ambient_temp           100 
_diffrn.ambient_temp_details   ? 
_diffrn.ambient_temp_esd       ? 
_diffrn.crystal_id             1 
_diffrn.crystal_support        ? 
_diffrn.crystal_treatment      ? 
_diffrn.details                ? 
_diffrn.id                     1 
_diffrn.ambient_pressure       ? 
_diffrn.ambient_pressure_esd   ? 
_diffrn.ambient_pressure_gt    ? 
_diffrn.ambient_pressure_lt    ? 
_diffrn.ambient_temp_gt        ? 
_diffrn.ambient_temp_lt        ? 
# 
_diffrn_detector.details                      ? 
_diffrn_detector.detector                     PIXEL 
_diffrn_detector.diffrn_id                    1 
_diffrn_detector.type                         'PSI PILATUS 6M' 
_diffrn_detector.area_resol_mean              ? 
_diffrn_detector.dtime                        ? 
_diffrn_detector.pdbx_frames_total            ? 
_diffrn_detector.pdbx_collection_time_total   ? 
_diffrn_detector.pdbx_collection_date         2012-12-09 
# 
_diffrn_radiation.collimation                      ? 
_diffrn_radiation.diffrn_id                        1 
_diffrn_radiation.filter_edge                      ? 
_diffrn_radiation.inhomogeneity                    ? 
_diffrn_radiation.monochromator                    'Si (111)' 
_diffrn_radiation.polarisn_norm                    ? 
_diffrn_radiation.polarisn_ratio                   ? 
_diffrn_radiation.probe                            ? 
_diffrn_radiation.type                             ? 
_diffrn_radiation.xray_symbol                      ? 
_diffrn_radiation.wavelength_id                    1 
_diffrn_radiation.pdbx_monochromatic_or_laue_m_l   M 
_diffrn_radiation.pdbx_wavelength_list             ? 
_diffrn_radiation.pdbx_wavelength                  ? 
_diffrn_radiation.pdbx_diffrn_protocol             'SINGLE WAVELENGTH' 
_diffrn_radiation.pdbx_analyzer                    ? 
_diffrn_radiation.pdbx_scattering_type             x-ray 
# 
_diffrn_radiation_wavelength.id           1 
_diffrn_radiation_wavelength.wavelength   0.9792 
_diffrn_radiation_wavelength.wt           1.0 
# 
_diffrn_source.current                     ? 
_diffrn_source.details                     ? 
_diffrn_source.diffrn_id                   1 
_diffrn_source.power                       ? 
_diffrn_source.size                        ? 
_diffrn_source.source                      SYNCHROTRON 
_diffrn_source.target                      ? 
_diffrn_source.type                        'APS BEAMLINE 24-ID-E' 
_diffrn_source.voltage                     ? 
_diffrn_source.take-off_angle              ? 
_diffrn_source.pdbx_wavelength_list        0.9792 
_diffrn_source.pdbx_wavelength             ? 
_diffrn_source.pdbx_synchrotron_beamline   24-ID-E 
_diffrn_source.pdbx_synchrotron_site       APS 
# 
_reflns.B_iso_Wilson_estimate            ? 
_reflns.entry_id                         4XFO 
_reflns.data_reduction_details           ? 
_reflns.data_reduction_method            ? 
_reflns.d_resolution_high                1.35 
_reflns.d_resolution_low                 16.01 
_reflns.details                          ? 
_reflns.limit_h_max                      ? 
_reflns.limit_h_min                      ? 
_reflns.limit_k_max                      ? 
_reflns.limit_k_min                      ? 
_reflns.limit_l_max                      ? 
_reflns.limit_l_min                      ? 
_reflns.number_all                       ? 
_reflns.number_obs                       629 
_reflns.observed_criterion               ? 
_reflns.observed_criterion_F_max         ? 
_reflns.observed_criterion_F_min         ? 
_reflns.observed_criterion_I_max         ? 
_reflns.observed_criterion_I_min         ? 
_reflns.observed_criterion_sigma_F       ? 
_reflns.observed_criterion_sigma_I       ? 
_reflns.percent_possible_obs             92.6 
_reflns.R_free_details                   ? 
_reflns.Rmerge_F_all                     ? 
_reflns.Rmerge_F_obs                     ? 
_reflns.Friedel_coverage                 ? 
_reflns.number_gt                        ? 
_reflns.threshold_expression             ? 
_reflns.pdbx_redundancy                  21.8 
_reflns.pdbx_Rmerge_I_obs                ? 
_reflns.pdbx_Rmerge_I_all                ? 
_reflns.pdbx_Rsym_value                  ? 
_reflns.pdbx_netI_over_av_sigmaI         ? 
_reflns.pdbx_netI_over_sigmaI            6.93 
_reflns.pdbx_res_netI_over_av_sigmaI_2   ? 
_reflns.pdbx_res_netI_over_sigmaI_2      ? 
_reflns.pdbx_chi_squared                 ? 
_reflns.pdbx_scaling_rejects             ? 
_reflns.pdbx_d_res_high_opt              ? 
_reflns.pdbx_d_res_low_opt               ? 
_reflns.pdbx_d_res_opt_method            ? 
_reflns.phase_calculation_details        ? 
_reflns.pdbx_Rrim_I_all                  ? 
_reflns.pdbx_Rpim_I_all                  ? 
_reflns.pdbx_d_opt                       ? 
_reflns.pdbx_number_measured_all         ? 
_reflns.pdbx_diffrn_id                   1 
_reflns.pdbx_ordinal                     1 
_reflns.pdbx_CC_half                     ? 
_reflns.pdbx_R_split                     ? 
# 
_refine.aniso_B[1][1]                            ? 
_refine.aniso_B[1][2]                            ? 
_refine.aniso_B[1][3]                            ? 
_refine.aniso_B[2][2]                            ? 
_refine.aniso_B[2][3]                            ? 
_refine.aniso_B[3][3]                            ? 
_refine.B_iso_max                                ? 
_refine.B_iso_mean                               ? 
_refine.B_iso_min                                ? 
_refine.correlation_coeff_Fo_to_Fc               ? 
_refine.correlation_coeff_Fo_to_Fc_free          ? 
_refine.details                                  ? 
_refine.diff_density_max                         ? 
_refine.diff_density_max_esd                     ? 
_refine.diff_density_min                         ? 
_refine.diff_density_min_esd                     ? 
_refine.diff_density_rms                         ? 
_refine.diff_density_rms_esd                     ? 
_refine.entry_id                                 4XFO 
_refine.pdbx_refine_id                           'X-RAY DIFFRACTION' 
_refine.ls_abs_structure_details                 ? 
_refine.ls_abs_structure_Flack                   ? 
_refine.ls_abs_structure_Flack_esd               ? 
_refine.ls_abs_structure_Rogers                  ? 
_refine.ls_abs_structure_Rogers_esd              ? 
_refine.ls_d_res_high                            1.350 
_refine.ls_d_res_low                             16.010 
_refine.ls_extinction_coef                       ? 
_refine.ls_extinction_coef_esd                   ? 
_refine.ls_extinction_expression                 ? 
_refine.ls_extinction_method                     ? 
_refine.ls_goodness_of_fit_all                   ? 
_refine.ls_goodness_of_fit_all_esd               ? 
_refine.ls_goodness_of_fit_obs                   ? 
_refine.ls_goodness_of_fit_obs_esd               ? 
_refine.ls_hydrogen_treatment                    ? 
_refine.ls_matrix_type                           ? 
_refine.ls_number_constraints                    ? 
_refine.ls_number_parameters                     ? 
_refine.ls_number_reflns_all                     ? 
_refine.ls_number_reflns_obs                     624 
_refine.ls_number_reflns_R_free                  63 
_refine.ls_number_reflns_R_work                  ? 
_refine.ls_number_restraints                     ? 
_refine.ls_percent_reflns_obs                    91.90 
_refine.ls_percent_reflns_R_free                 10.10 
_refine.ls_R_factor_all                          ? 
_refine.ls_R_factor_obs                          0.1350 
_refine.ls_R_factor_R_free                       0.1478 
_refine.ls_R_factor_R_free_error                 ? 
_refine.ls_R_factor_R_free_error_details         ? 
_refine.ls_R_factor_R_work                       0.1336 
_refine.ls_R_Fsqd_factor_obs                     ? 
_refine.ls_R_I_factor_obs                        ? 
_refine.ls_redundancy_reflns_all                 ? 
_refine.ls_redundancy_reflns_obs                 ? 
_refine.ls_restrained_S_all                      ? 
_refine.ls_restrained_S_obs                      ? 
_refine.ls_shift_over_esd_max                    ? 
_refine.ls_shift_over_esd_mean                   ? 
_refine.ls_structure_factor_coef                 ? 
_refine.ls_weighting_details                     ? 
_refine.ls_weighting_scheme                      ? 
_refine.ls_wR_factor_all                         ? 
_refine.ls_wR_factor_obs                         ? 
_refine.ls_wR_factor_R_free                      ? 
_refine.ls_wR_factor_R_work                      ? 
_refine.occupancy_max                            ? 
_refine.occupancy_min                            ? 
_refine.solvent_model_details                    'FLAT BULK SOLVENT MODEL' 
_refine.solvent_model_param_bsol                 ? 
_refine.solvent_model_param_ksol                 ? 
_refine.ls_R_factor_gt                           ? 
_refine.ls_goodness_of_fit_gt                    ? 
_refine.ls_goodness_of_fit_ref                   ? 
_refine.ls_shift_over_su_max                     ? 
_refine.ls_shift_over_su_max_lt                  ? 
_refine.ls_shift_over_su_mean                    ? 
_refine.ls_shift_over_su_mean_lt                 ? 
_refine.pdbx_ls_sigma_I                          ? 
_refine.pdbx_ls_sigma_F                          2.12 
_refine.pdbx_ls_sigma_Fsqd                       ? 
_refine.pdbx_data_cutoff_high_absF               ? 
_refine.pdbx_data_cutoff_high_rms_absF           ? 
_refine.pdbx_data_cutoff_low_absF                ? 
_refine.pdbx_isotropic_thermal_model             ? 
_refine.pdbx_ls_cross_valid_method               'FREE R-VALUE' 
_refine.pdbx_method_to_determine_struct          ? 
_refine.pdbx_starting_model                      ? 
_refine.pdbx_stereochemistry_target_values       ML 
_refine.pdbx_R_Free_selection_details            ? 
_refine.pdbx_stereochem_target_val_spec_case     ? 
_refine.pdbx_overall_ESU_R                       ? 
_refine.pdbx_overall_ESU_R_Free                  ? 
_refine.pdbx_solvent_vdw_probe_radii             1.11 
_refine.pdbx_solvent_ion_probe_radii             ? 
_refine.pdbx_solvent_shrinkage_radii             0.90 
_refine.pdbx_real_space_R                        ? 
_refine.pdbx_density_correlation                 ? 
_refine.pdbx_pd_number_of_powder_patterns        ? 
_refine.pdbx_pd_number_of_points                 ? 
_refine.pdbx_pd_meas_number_of_points            ? 
_refine.pdbx_pd_proc_ls_prof_R_factor            ? 
_refine.pdbx_pd_proc_ls_prof_wR_factor           ? 
_refine.pdbx_pd_Marquardt_correlation_coeff      ? 
_refine.pdbx_pd_Fsqrd_R_factor                   ? 
_refine.pdbx_pd_ls_matrix_band_width             ? 
_refine.pdbx_overall_phase_error                 13.92 
_refine.pdbx_overall_SU_R_free_Cruickshank_DPI   ? 
_refine.pdbx_overall_SU_R_free_Blow_DPI          ? 
_refine.pdbx_overall_SU_R_Blow_DPI               ? 
_refine.pdbx_TLS_residual_ADP_flag               ? 
_refine.pdbx_diffrn_id                           1 
_refine.overall_SU_B                             ? 
_refine.overall_SU_ML                            0.06 
_refine.overall_SU_R_Cruickshank_DPI             ? 
_refine.overall_SU_R_free                        ? 
_refine.overall_FOM_free_R_set                   ? 
_refine.overall_FOM_work_R_set                   ? 
_refine.pdbx_average_fsc_overall                 ? 
_refine.pdbx_average_fsc_work                    ? 
_refine.pdbx_average_fsc_free                    ? 
# 
_refine_hist.pdbx_refine_id                   'X-RAY DIFFRACTION' 
_refine_hist.cycle_id                         LAST 
_refine_hist.pdbx_number_atoms_protein        42 
_refine_hist.pdbx_number_atoms_nucleic_acid   0 
_refine_hist.pdbx_number_atoms_ligand         0 
_refine_hist.number_atoms_solvent             0 
_refine_hist.number_atoms_total               42 
_refine_hist.d_res_high                       1.350 
_refine_hist.d_res_low                        16.010 
# 
loop_
_refine_ls_restr.pdbx_refine_id 
_refine_ls_restr.criterion 
_refine_ls_restr.dev_ideal 
_refine_ls_restr.dev_ideal_target 
_refine_ls_restr.number 
_refine_ls_restr.rejects 
_refine_ls_restr.type 
_refine_ls_restr.weight 
_refine_ls_restr.pdbx_restraint_function 
'X-RAY DIFFRACTION' ? 0.009  ? 41 ? f_bond_d           ? ? 
'X-RAY DIFFRACTION' ? 1.270  ? 57 ? f_angle_d          ? ? 
'X-RAY DIFFRACTION' ? 12.584 ? 12 ? f_dihedral_angle_d ? ? 
'X-RAY DIFFRACTION' ? 0.052  ? 10 ? f_chiral_restr     ? ? 
'X-RAY DIFFRACTION' ? 0.004  ? 7  ? f_plane_restr      ? ? 
# 
_struct.entry_id                     4XFO 
_struct.title                        'Structure of an amyloid-forming segment TAVVTN from human Transthyretin' 
_struct.pdbx_model_details           ? 
_struct.pdbx_formula_weight          ? 
_struct.pdbx_formula_weight_method   ? 
_struct.pdbx_model_type_details      ? 
_struct.pdbx_CASP_flag               ? 
# 
_struct_keywords.entry_id        4XFO 
_struct_keywords.text            'amyloid, transthyretin, fibril, PROTEIN FIBRIL' 
_struct_keywords.pdbx_keywords   'PROTEIN FIBRIL' 
# 
_struct_asym.id                            A 
_struct_asym.pdbx_blank_PDB_chainid_flag   N 
_struct_asym.pdbx_modified                 N 
_struct_asym.entity_id                     1 
_struct_asym.details                       ? 
# 
_struct_ref.id                         1 
_struct_ref.db_name                    PDB 
_struct_ref.db_code                    4XFO 
_struct_ref.pdbx_db_accession          4XFO 
_struct_ref.pdbx_db_isoform            ? 
_struct_ref.entity_id                  1 
_struct_ref.pdbx_seq_one_letter_code   ? 
_struct_ref.pdbx_align_begin           1 
# 
_struct_ref_seq.align_id                      1 
_struct_ref_seq.ref_id                        1 
_struct_ref_seq.pdbx_PDB_id_code              4XFO 
_struct_ref_seq.pdbx_strand_id                A 
_struct_ref_seq.seq_align_beg                 1 
_struct_ref_seq.pdbx_seq_align_beg_ins_code   ? 
_struct_ref_seq.seq_align_end                 6 
_struct_ref_seq.pdbx_seq_align_end_ins_code   ? 
_struct_ref_seq.pdbx_db_accession             4XFO 
_struct_ref_seq.db_align_beg                  1 
_struct_ref_seq.pdbx_db_align_beg_ins_code    ? 
_struct_ref_seq.db_align_end                  6 
_struct_ref_seq.pdbx_db_align_end_ins_code    ? 
_struct_ref_seq.pdbx_auth_seq_align_beg       1 
_struct_ref_seq.pdbx_auth_seq_align_end       6 
# 
_pdbx_struct_assembly.id                   1 
_pdbx_struct_assembly.details              author_defined_assembly 
_pdbx_struct_assembly.method_details       ? 
_pdbx_struct_assembly.oligomeric_details   tetrameric 
_pdbx_struct_assembly.oligomeric_count     4 
# 
loop_
_pdbx_struct_assembly_gen.assembly_id 
_pdbx_struct_assembly_gen.oper_expression 
_pdbx_struct_assembly_gen.asym_id_list 
1 1 A 
1 2 A 
1 3 A 
1 4 A 
# 
loop_
_pdbx_struct_oper_list.id 
_pdbx_struct_oper_list.type 
_pdbx_struct_oper_list.name 
_pdbx_struct_oper_list.symmetry_operation 
_pdbx_struct_oper_list.matrix[1][1] 
_pdbx_struct_oper_list.matrix[1][2] 
_pdbx_struct_oper_list.matrix[1][3] 
_pdbx_struct_oper_list.vector[1] 
_pdbx_struct_oper_list.matrix[2][1] 
_pdbx_struct_oper_list.matrix[2][2] 
_pdbx_struct_oper_list.matrix[2][3] 
_pdbx_struct_oper_list.vector[2] 
_pdbx_struct_oper_list.matrix[3][1] 
_pdbx_struct_oper_list.matrix[3][2] 
_pdbx_struct_oper_list.matrix[3][3] 
_pdbx_struct_oper_list.vector[3] 
1 'identity operation'         1_555 x,y,z   1.0000000000 0.0000000000 0.0000000000 0.0000000000  0.0000000000 1.0000000000 0.0000000000 0.0000000000  0.0000000000 0.0000000000 1.0000000000 0.0000000000  
2 'crystal symmetry operation' 1_655 x+1,y,z 1.0000000000 0.0000000000 0.0000000000 3.8769659797  0.0000000000 1.0000000000 0.0000000000 -2.5158191622 0.0000000000 0.0000000000 1.0000000000 -1.0964892774 
3 'crystal symmetry operation' 1_755 x+2,y,z 1.0000000000 0.0000000000 0.0000000000 7.7539319594  0.0000000000 1.0000000000 0.0000000000 -5.0316383243 0.0000000000 0.0000000000 1.0000000000 -2.1929785548 
4 'crystal symmetry operation' 1_855 x+3,y,z 1.0000000000 0.0000000000 0.0000000000 11.6308979391 0.0000000000 1.0000000000 0.0000000000 -7.5474574865 0.0000000000 0.0000000000 1.0000000000 -3.2894678323 
# 
_struct_biol.details                      
;The biological assembly is a pair of indefinitely long beta sheets constructed from chain A and unit cell translations along the "a" direction (that is, the "a" direction corresponds to the fiber axis) (i.e. X,Y,Z; X+1,Y,Z; X+2,Y,Z; etc.) together with a complementary sheet formed from X,Y+1,Z and its unit cell translations along the "a" direction (i.e. X+1,Y+1,Z; X+2,Y+1,Z; X+3,Y+1,Z;, etc.)
;
_struct_biol.id                           1 
_struct_biol.pdbx_aggregation_state       ? 
_struct_biol.pdbx_assembly_method         ? 
_struct_biol.pdbx_formula_weight          ? 
_struct_biol.pdbx_formula_weight_method   ? 
_struct_biol.pdbx_parent_biol_id          ? 
# 
loop_
_chem_comp_atom.comp_id 
_chem_comp_atom.atom_id 
_chem_comp_atom.type_symbol 
_chem_comp_atom.pdbx_aromatic_flag 
_chem_comp_atom.pdbx_stereo_config 
_chem_comp_atom.pdbx_ordinal 
ALA N    N N N 1  
ALA CA   C N S 2  
ALA C    C N N 3  
ALA O    O N N 4  
ALA CB   C N N 5  
ALA OXT  O N N 6  
ALA H    H N N 7  
ALA H2   H N N 8  
ALA HA   H N N 9  
ALA HB1  H N N 10 
ALA HB2  H N N 11 
ALA HB3  H N N 12 
ALA HXT  H N N 13 
ASN N    N N N 14 
ASN CA   C N S 15 
ASN C    C N N 16 
ASN O    O N N 17 
ASN CB   C N N 18 
ASN CG   C N N 19 
ASN OD1  O N N 20 
ASN ND2  N N N 21 
ASN OXT  O N N 22 
ASN H    H N N 23 
ASN H2   H N N 24 
ASN HA   H N N 25 
ASN HB2  H N N 26 
ASN HB3  H N N 27 
ASN HD21 H N N 28 
ASN HD22 H N N 29 
ASN HXT  H N N 30 
THR N    N N N 31 
THR CA   C N S 32 
THR C    C N N 33 
THR O    O N N 34 
THR CB   C N R 35 
THR OG1  O N N 36 
THR CG2  C N N 37 
THR OXT  O N N 38 
THR H    H N N 39 
THR H2   H N N 40 
THR HA   H N N 41 
THR HB   H N N 42 
THR HG1  H N N 43 
THR HG21 H N N 44 
THR HG22 H N N 45 
THR HG23 H N N 46 
THR HXT  H N N 47 
VAL N    N N N 48 
VAL CA   C N S 49 
VAL C    C N N 50 
VAL O    O N N 51 
VAL CB   C N N 52 
VAL CG1  C N N 53 
VAL CG2  C N N 54 
VAL OXT  O N N 55 
VAL H    H N N 56 
VAL H2   H N N 57 
VAL HA   H N N 58 
VAL HB   H N N 59 
VAL HG11 H N N 60 
VAL HG12 H N N 61 
VAL HG13 H N N 62 
VAL HG21 H N N 63 
VAL HG22 H N N 64 
VAL HG23 H N N 65 
VAL HXT  H N N 66 
# 
loop_
_chem_comp_bond.comp_id 
_chem_comp_bond.atom_id_1 
_chem_comp_bond.atom_id_2 
_chem_comp_bond.value_order 
_chem_comp_bond.pdbx_aromatic_flag 
_chem_comp_bond.pdbx_stereo_config 
_chem_comp_bond.pdbx_ordinal 
ALA N   CA   sing N N 1  
ALA N   H    sing N N 2  
ALA N   H2   sing N N 3  
ALA CA  C    sing N N 4  
ALA CA  CB   sing N N 5  
ALA CA  HA   sing N N 6  
ALA C   O    doub N N 7  
ALA C   OXT  sing N N 8  
ALA CB  HB1  sing N N 9  
ALA CB  HB2  sing N N 10 
ALA CB  HB3  sing N N 11 
ALA OXT HXT  sing N N 12 
ASN N   CA   sing N N 13 
ASN N   H    sing N N 14 
ASN N   H2   sing N N 15 
ASN CA  C    sing N N 16 
ASN CA  CB   sing N N 17 
ASN CA  HA   sing N N 18 
ASN C   O    doub N N 19 
ASN C   OXT  sing N N 20 
ASN CB  CG   sing N N 21 
ASN CB  HB2  sing N N 22 
ASN CB  HB3  sing N N 23 
ASN CG  OD1  doub N N 24 
ASN CG  ND2  sing N N 25 
ASN ND2 HD21 sing N N 26 
ASN ND2 HD22 sing N N 27 
ASN OXT HXT  sing N N 28 
THR N   CA   sing N N 29 
THR N   H    sing N N 30 
THR N   H2   sing N N 31 
THR CA  C    sing N N 32 
THR CA  CB   sing N N 33 
THR CA  HA   sing N N 34 
THR C   O    doub N N 35 
THR C   OXT  sing N N 36 
THR CB  OG1  sing N N 37 
THR CB  CG2  sing N N 38 
THR CB  HB   sing N N 39 
THR OG1 HG1  sing N N 40 
THR CG2 HG21 sing N N 41 
THR CG2 HG22 sing N N 42 
THR CG2 HG23 sing N N 43 
THR OXT HXT  sing N N 44 
VAL N   CA   sing N N 45 
VAL N   H    sing N N 46 
VAL N   H2   sing N N 47 
VAL CA  C    sing N N 48 
VAL CA  CB   sing N N 49 
VAL CA  HA   sing N N 50 
VAL C   O    doub N N 51 
VAL C   OXT  sing N N 52 
VAL CB  CG1  sing N N 53 
VAL CB  CG2  sing N N 54 
VAL CB  HB   sing N N 55 
VAL CG1 HG11 sing N N 56 
VAL CG1 HG12 sing N N 57 
VAL CG1 HG13 sing N N 58 
VAL CG2 HG21 sing N N 59 
VAL CG2 HG22 sing N N 60 
VAL CG2 HG23 sing N N 61 
VAL OXT HXT  sing N N 62 
# 
_pdbx_audit_support.funding_organization   'Marie Curie Actions' 
_pdbx_audit_support.country                Switzerland 
_pdbx_audit_support.grant_number           298559 
_pdbx_audit_support.ordinal                1 
# 
_atom_sites.entry_id                    4XFO 
_atom_sites.fract_transf_matrix[1][1]   0.19512967 
_atom_sites.fract_transf_matrix[1][2]   -0.09042136 
_atom_sites.fract_transf_matrix[1][3]   -0.01459532 
_atom_sites.fract_transf_matrix[2][1]   -0.05353658 
_atom_sites.fract_transf_matrix[2][2]   -0.05627419 
_atom_sites.fract_transf_matrix[2][3]   -0.06017734 
_atom_sites.fract_transf_matrix[3][1]   0.01890997 
_atom_sites.fract_transf_matrix[3][2]   0.04574476 
_atom_sites.fract_transf_matrix[3][3]   -0.03809635 
_atom_sites.fract_transf_vector[1]      0.338064 
_atom_sites.fract_transf_vector[2]      -0.336509 
_atom_sites.fract_transf_vector[3]      -0.641755 
# 
loop_
_atom_type.symbol 
C 
N 
O 
# 
loop_
_atom_site.group_PDB 
_atom_site.id 
_atom_site.type_symbol 
_atom_site.label_atom_id 
_atom_site.label_alt_id 
_atom_site.label_comp_id 
_atom_site.label_asym_id 
_atom_site.label_entity_id 
_atom_site.label_seq_id 
_atom_site.pdbx_PDB_ins_code 
_atom_site.Cartn_x 
_atom_site.Cartn_y 
_atom_site.Cartn_z 
_atom_site.occupancy 
_atom_site.B_iso_or_equiv 
_atom_site.pdbx_formal_charge 
_atom_site.auth_seq_id 
_atom_site.auth_comp_id 
_atom_site.auth_asym_id 
_atom_site.auth_atom_id 
_atom_site.pdbx_PDB_model_num 
ATOM 1  N N   . THR A 1 1 ? -0.092 3.583  -8.811 1.00 1.55 ? 1 THR A N   1 
ATOM 2  C CA  . THR A 1 1 ? -0.748 2.687  -7.867 1.00 1.55 ? 1 THR A CA  1 
ATOM 3  C C   . THR A 1 1 ? 0.164  2.361  -6.693 1.00 2.55 ? 1 THR A C   1 
ATOM 4  O O   . THR A 1 1 ? 1.244  1.814  -6.872 1.00 1.94 ? 1 THR A O   1 
ATOM 5  C CB  . THR A 1 1 ? -1.188 1.382  -8.568 1.00 2.85 ? 1 THR A CB  1 
ATOM 6  O OG1 . THR A 1 1 ? -1.988 1.717  -9.711 1.00 3.35 ? 1 THR A OG1 1 
ATOM 7  C CG2 . THR A 1 1 ? -1.996 0.498  -7.617 1.00 3.18 ? 1 THR A CG2 1 
ATOM 8  N N   . ALA A 1 2 ? -0.287 2.715  -5.493 1.00 1.18 ? 2 ALA A N   1 
ATOM 9  C CA  . ALA A 1 2 ? 0.437  2.413  -4.271 1.00 1.03 ? 2 ALA A CA  1 
ATOM 10 C C   . ALA A 1 2 ? -0.509 1.697  -3.333 1.00 1.24 ? 2 ALA A C   1 
ATOM 11 O O   . ALA A 1 2 ? -1.619 2.182  -3.068 1.00 2.05 ? 2 ALA A O   1 
ATOM 12 C CB  . ALA A 1 2 ? 0.983  3.689  -3.616 1.00 1.74 ? 2 ALA A CB  1 
ATOM 13 N N   . VAL A 1 3 ? -0.072 0.542  -2.836 1.00 0.47 ? 3 VAL A N   1 
ATOM 14 C CA  . VAL A 1 3 ? -0.885 -0.293 -1.968 1.00 0.39 ? 3 VAL A CA  1 
ATOM 15 C C   . VAL A 1 3 ? -0.034 -0.691 -0.775 1.00 0.52 ? 3 VAL A C   1 
ATOM 16 O O   . VAL A 1 3 ? 1.012  -1.314 -0.930 1.00 0.52 ? 3 VAL A O   1 
ATOM 17 C CB  . VAL A 1 3 ? -1.410 -1.560 -2.707 1.00 0.47 ? 3 VAL A CB  1 
ATOM 18 C CG1 . VAL A 1 3 ? -2.312 -2.388 -1.785 1.00 0.54 ? 3 VAL A CG1 1 
ATOM 19 C CG2 . VAL A 1 3 ? -2.125 -1.171 -4.015 1.00 0.79 ? 3 VAL A CG2 1 
ATOM 20 N N   . VAL A 1 4 ? -0.484 -0.310 0.418  1.00 0.34 ? 4 VAL A N   1 
ATOM 21 C CA  . VAL A 1 4 ? 0.304  -0.497 1.626  1.00 0.39 ? 4 VAL A CA  1 
ATOM 22 C C   . VAL A 1 4 ? -0.512 -1.124 2.728  1.00 0.53 ? 4 VAL A C   1 
ATOM 23 O O   . VAL A 1 4 ? -1.624 -0.678 3.001  1.00 0.46 ? 4 VAL A O   1 
ATOM 24 C CB  . VAL A 1 4 ? 0.869  0.856  2.162  1.00 0.70 ? 4 VAL A CB  1 
ATOM 25 C CG1 . VAL A 1 4 ? 1.604  0.657  3.491  1.00 1.04 ? 4 VAL A CG1 1 
ATOM 26 C CG2 . VAL A 1 4 ? 1.778  1.499  1.130  1.00 1.15 ? 4 VAL A CG2 1 
ATOM 27 N N   . THR A 1 5 ? 0.056  -2.148 3.360  1.00 0.32 ? 5 THR A N   1 
ATOM 28 C CA  . THR A 1 5 ? -0.426 -2.675 4.637  1.00 0.72 ? 5 THR A CA  1 
ATOM 29 C C   . THR A 1 5 ? 0.696  -2.504 5.643  1.00 0.93 ? 5 THR A C   1 
ATOM 30 O O   . THR A 1 5 ? 1.835  -2.861 5.374  1.00 1.03 ? 5 THR A O   1 
ATOM 31 C CB  . THR A 1 5 ? -0.841 -4.150 4.540  1.00 1.15 ? 5 THR A CB  1 
ATOM 32 O OG1 . THR A 1 5 ? -2.121 -4.221 3.904  1.00 2.12 ? 5 THR A OG1 1 
ATOM 33 C CG2 . THR A 1 5 ? -0.957 -4.780 5.916  1.00 1.44 ? 5 THR A CG2 1 
ATOM 34 N N   . ASN A 1 6 ? 0.364  -1.903 6.780  1.00 0.89 ? 6 ASN A N   1 
ATOM 35 C CA  . ASN A 1 6 ? 1.318  -1.634 7.843  1.00 1.76 ? 6 ASN A CA  1 
ATOM 36 C C   . ASN A 1 6 ? 0.587  -1.790 9.179  1.00 2.47 ? 6 ASN A C   1 
ATOM 37 O O   . ASN A 1 6 ? 1.193  -1.725 10.243 1.00 3.59 ? 6 ASN A O   1 
ATOM 38 C CB  . ASN A 1 6 ? 1.910  -0.230 7.687  1.00 1.49 ? 6 ASN A CB  1 
ATOM 39 C CG  . ASN A 1 6 ? 3.104  0.039  8.608  1.00 1.48 ? 6 ASN A CG  1 
ATOM 40 O OD1 . ASN A 1 6 ? 4.068  -0.727 8.660  1.00 2.17 ? 6 ASN A OD1 1 
ATOM 41 N ND2 . ASN A 1 6 ? 3.049  1.164  9.315  1.00 1.46 ? 6 ASN A ND2 1 
ATOM 42 O OXT . ASN A 1 6 ? -0.644 -1.989 9.178  1.00 3.92 ? 6 ASN A OXT 1 
# 
